data_4ZFI
#
_entry.id   4ZFI
#
_cell.length_a   66.360
_cell.length_b   70.250
_cell.length_c   96.440
_cell.angle_alpha   90.000
_cell.angle_beta   90.000
_cell.angle_gamma   90.000
#
_symmetry.space_group_name_H-M   'P 21 21 21'
#
loop_
_entity.id
_entity.type
_entity.pdbx_description
1 polymer 'E3 ubiquitin-protein ligase Mdm2'
2 non-polymer (5S)-3,5-bis(4-chlorobenzyl)-4-(6-chloro-1H-indol-3-yl)-5-hydroxy-1-methyl-1,5-dihydro-2H-pyrrol-2-one
3 water water
#
_entity_poly.entity_id   1
_entity_poly.type   'polypeptide(L)'
_entity_poly.pdbx_seq_one_letter_code
;MQIPASEQETLVRPKPLLLKLLKSVGAQKDTYTMKEVLFYLGQYIMTKRLYDEKQQHIVYCSNDLLGDLFGVPSFSVKEH
RKIYTMIYRNLVVVNQQ
;
_entity_poly.pdbx_strand_id   A,B,C,D
#
loop_
_chem_comp.id
_chem_comp.type
_chem_comp.name
_chem_comp.formula
4NJ non-polymer (5S)-3,5-bis(4-chlorobenzyl)-4-(6-chloro-1H-indol-3-yl)-5-hydroxy-1-methyl-1,5-dihydro-2H-pyrrol-2-one 'C27 H21 Cl3 N2 O2'
#
# COMPACT_ATOMS: atom_id res chain seq x y z
N GLN A 2 -14.91 -4.81 19.04
CA GLN A 2 -14.86 -5.80 17.93
C GLN A 2 -15.01 -5.01 16.63
N ILE A 3 -15.62 -5.57 15.60
CA ILE A 3 -15.79 -4.85 14.36
C ILE A 3 -17.27 -4.87 14.08
N PRO A 4 -17.85 -3.69 13.84
CA PRO A 4 -19.31 -3.74 13.55
C PRO A 4 -19.64 -4.59 12.30
N ALA A 5 -20.79 -5.28 12.31
CA ALA A 5 -21.26 -6.08 11.16
C ALA A 5 -21.31 -5.32 9.87
N SER A 6 -21.82 -4.10 9.91
CA SER A 6 -21.81 -3.30 8.70
C SER A 6 -20.39 -3.26 8.08
N GLU A 7 -19.35 -3.18 8.92
CA GLU A 7 -18.00 -2.94 8.40
C GLU A 7 -17.42 -4.25 7.83
N GLN A 8 -17.86 -5.38 8.37
CA GLN A 8 -17.44 -6.68 7.83
C GLN A 8 -17.97 -6.89 6.45
N GLU A 9 -19.12 -6.25 6.18
CA GLU A 9 -19.77 -6.33 4.88
C GLU A 9 -19.30 -5.30 3.89
N THR A 10 -18.34 -4.45 4.27
CA THR A 10 -17.78 -3.46 3.37
C THR A 10 -17.25 -4.14 2.12
N LEU A 11 -17.64 -3.60 0.97
CA LEU A 11 -17.13 -4.01 -0.33
C LEU A 11 -15.83 -3.35 -0.70
N VAL A 12 -14.87 -4.17 -1.14
CA VAL A 12 -13.50 -3.72 -1.35
C VAL A 12 -12.90 -4.39 -2.55
N ARG A 13 -11.97 -3.70 -3.18
CA ARG A 13 -11.20 -4.25 -4.31
C ARG A 13 -9.72 -4.24 -3.96
N PRO A 14 -9.17 -5.43 -3.65
CA PRO A 14 -7.75 -5.56 -3.34
C PRO A 14 -6.85 -4.98 -4.44
N LYS A 15 -5.80 -4.26 -4.04
CA LYS A 15 -4.80 -3.79 -4.99
C LYS A 15 -4.04 -5.02 -5.49
N PRO A 16 -3.19 -4.87 -6.52
CA PRO A 16 -2.67 -6.04 -7.22
C PRO A 16 -1.89 -7.06 -6.41
N LEU A 17 -1.09 -6.64 -5.46
CA LEU A 17 -0.30 -7.62 -4.73
C LEU A 17 -1.15 -8.39 -3.69
N LEU A 18 -2.05 -7.73 -2.97
CA LEU A 18 -2.96 -8.43 -2.09
C LEU A 18 -3.87 -9.36 -2.92
N LEU A 19 -4.30 -8.92 -4.09
CA LEU A 19 -5.17 -9.75 -4.95
C LEU A 19 -4.46 -11.00 -5.37
N LYS A 20 -3.20 -10.88 -5.75
CA LYS A 20 -2.37 -12.05 -6.08
C LYS A 20 -2.25 -13.04 -4.92
N LEU A 21 -1.99 -12.53 -3.75
CA LEU A 21 -1.95 -13.40 -2.56
C LEU A 21 -3.28 -14.17 -2.35
N LEU A 22 -4.42 -13.47 -2.40
CA LEU A 22 -5.71 -14.13 -2.28
C LEU A 22 -5.93 -15.18 -3.37
N LYS A 23 -5.66 -14.82 -4.61
CA LYS A 23 -5.82 -15.74 -5.70
C LYS A 23 -4.91 -16.94 -5.61
N SER A 24 -3.77 -16.79 -4.96
CA SER A 24 -2.83 -17.92 -4.79
C SER A 24 -3.42 -19.02 -3.91
N VAL A 25 -4.44 -18.71 -3.08
CA VAL A 25 -5.12 -19.76 -2.28
C VAL A 25 -6.51 -20.05 -2.79
N GLY A 26 -6.80 -19.64 -4.02
CA GLY A 26 -8.00 -20.05 -4.71
C GLY A 26 -9.12 -19.06 -4.79
N ALA A 27 -8.91 -17.82 -4.35
CA ALA A 27 -9.93 -16.80 -4.58
C ALA A 27 -10.13 -16.59 -6.11
N GLN A 28 -11.34 -16.25 -6.52
CA GLN A 28 -11.68 -16.17 -7.93
C GLN A 28 -12.14 -14.82 -8.39
N LYS A 29 -12.36 -13.88 -7.48
CA LYS A 29 -13.05 -12.65 -7.80
C LYS A 29 -12.13 -11.44 -7.70
N ASP A 30 -12.69 -10.27 -8.03
CA ASP A 30 -11.95 -9.02 -7.89
C ASP A 30 -12.52 -8.11 -6.82
N THR A 31 -13.78 -8.30 -6.50
CA THR A 31 -14.47 -7.51 -5.52
C THR A 31 -14.92 -8.45 -4.41
N TYR A 32 -14.69 -8.07 -3.14
CA TYR A 32 -14.94 -8.94 -1.98
C TYR A 32 -15.61 -8.15 -0.91
N THR A 33 -16.27 -8.82 0.04
CA THR A 33 -16.49 -8.18 1.29
C THR A 33 -15.22 -8.35 2.16
N MET A 34 -15.06 -7.52 3.19
CA MET A 34 -13.97 -7.70 4.11
C MET A 34 -14.00 -9.10 4.70
N LYS A 35 -15.22 -9.57 5.00
CA LYS A 35 -15.44 -10.91 5.54
C LYS A 35 -14.79 -12.00 4.61
N GLU A 36 -14.95 -11.85 3.32
CA GLU A 36 -14.37 -12.81 2.34
C GLU A 36 -12.87 -12.65 2.27
N VAL A 37 -12.38 -11.41 2.39
CA VAL A 37 -10.93 -11.18 2.36
C VAL A 37 -10.29 -11.91 3.54
N LEU A 38 -10.91 -11.78 4.70
CA LEU A 38 -10.43 -12.47 5.93
C LEU A 38 -10.47 -14.01 5.80
N PHE A 39 -11.48 -14.55 5.15
CA PHE A 39 -11.52 -15.96 4.88
C PHE A 39 -10.26 -16.38 4.14
N TYR A 40 -9.97 -15.74 3.02
CA TYR A 40 -8.83 -16.18 2.21
C TYR A 40 -7.49 -15.91 2.89
N LEU A 41 -7.41 -14.82 3.63
CA LEU A 41 -6.18 -14.61 4.46
C LEU A 41 -6.01 -15.74 5.43
N GLY A 42 -7.09 -16.20 6.03
CA GLY A 42 -7.03 -17.36 6.97
C GLY A 42 -6.39 -18.56 6.26
N GLN A 43 -6.79 -18.80 5.02
CA GLN A 43 -6.32 -19.96 4.27
C GLN A 43 -4.90 -19.80 3.91
N TYR A 44 -4.57 -18.59 3.52
CA TYR A 44 -3.21 -18.26 3.20
C TYR A 44 -2.29 -18.53 4.38
N ILE A 45 -2.68 -17.96 5.51
CA ILE A 45 -1.86 -18.08 6.73
C ILE A 45 -1.64 -19.55 7.11
N MET A 46 -2.71 -20.34 7.08
CA MET A 46 -2.64 -21.76 7.41
C MET A 46 -1.75 -22.47 6.38
N THR A 47 -1.94 -22.20 5.09
CA THR A 47 -1.11 -22.83 4.03
C THR A 47 0.36 -22.51 4.10
N LYS A 48 0.69 -21.27 4.36
CA LYS A 48 2.09 -20.91 4.49
C LYS A 48 2.65 -21.23 5.89
N ARG A 49 1.80 -21.73 6.78
CA ARG A 49 2.18 -22.14 8.13
C ARG A 49 2.82 -20.99 8.90
N LEU A 50 2.13 -19.84 8.98
CA LEU A 50 2.74 -18.66 9.57
C LEU A 50 2.47 -18.57 11.03
N TYR A 51 1.60 -19.45 11.57
CA TYR A 51 1.24 -19.36 12.95
C TYR A 51 2.48 -19.73 13.77
N ASP A 52 2.67 -19.05 14.87
CA ASP A 52 3.79 -19.44 15.79
C ASP A 52 3.38 -20.73 16.52
N GLU A 53 4.30 -21.67 16.60
CA GLU A 53 4.04 -22.97 17.28
C GLU A 53 3.75 -22.84 18.78
N LYS A 54 4.51 -21.98 19.44
CA LYS A 54 4.39 -21.73 20.86
C LYS A 54 3.23 -20.80 21.21
N GLN A 55 2.95 -19.76 20.42
CA GLN A 55 1.85 -18.84 20.72
C GLN A 55 0.93 -18.73 19.50
N GLN A 56 -0.13 -19.50 19.51
CA GLN A 56 -0.88 -19.81 18.29
C GLN A 56 -1.67 -18.64 17.76
N HIS A 57 -1.92 -17.65 18.63
CA HIS A 57 -2.62 -16.42 18.21
C HIS A 57 -1.70 -15.53 17.38
N ILE A 58 -0.39 -15.82 17.31
CA ILE A 58 0.53 -14.98 16.61
C ILE A 58 0.74 -15.47 15.18
N VAL A 59 0.58 -14.55 14.23
CA VAL A 59 0.99 -14.81 12.88
C VAL A 59 2.33 -14.15 12.69
N TYR A 60 3.34 -14.96 12.43
CA TYR A 60 4.68 -14.47 12.18
C TYR A 60 4.92 -14.33 10.69
N CYS A 61 4.84 -13.12 10.17
CA CYS A 61 4.79 -12.91 8.74
C CYS A 61 5.97 -12.16 8.21
N SER A 62 6.98 -12.02 9.08
CA SER A 62 8.19 -11.29 8.74
C SER A 62 8.85 -11.74 7.41
N ASN A 63 8.95 -13.04 7.19
CA ASN A 63 9.67 -13.52 6.00
C ASN A 63 8.72 -13.84 4.86
N ASP A 64 7.55 -13.18 4.80
CA ASP A 64 6.52 -13.52 3.85
C ASP A 64 6.01 -12.27 3.20
N LEU A 65 5.49 -12.41 1.98
CA LEU A 65 4.81 -11.32 1.33
C LEU A 65 3.78 -10.65 2.22
N LEU A 66 3.09 -11.43 3.04
CA LEU A 66 2.07 -10.84 3.92
C LEU A 66 2.67 -9.77 4.87
N GLY A 67 3.87 -10.05 5.38
CA GLY A 67 4.60 -9.06 6.18
C GLY A 67 4.98 -7.81 5.42
N ASP A 68 5.36 -7.95 4.17
CA ASP A 68 5.62 -6.76 3.31
C ASP A 68 4.38 -5.90 3.07
N LEU A 69 3.25 -6.54 2.78
CA LEU A 69 2.02 -5.83 2.55
C LEU A 69 1.50 -5.19 3.81
N PHE A 70 1.52 -5.94 4.92
CA PHE A 70 0.94 -5.44 6.12
C PHE A 70 1.91 -4.43 6.85
N GLY A 71 3.19 -4.52 6.58
CA GLY A 71 4.16 -3.64 7.18
C GLY A 71 4.51 -3.94 8.62
N VAL A 72 4.41 -5.23 9.01
CA VAL A 72 4.71 -5.70 10.35
C VAL A 72 5.39 -7.09 10.29
N PRO A 73 6.28 -7.36 11.23
CA PRO A 73 6.84 -8.69 11.33
C PRO A 73 5.87 -9.74 11.90
N SER A 74 4.85 -9.30 12.64
CA SER A 74 3.89 -10.20 13.25
C SER A 74 2.67 -9.45 13.66
N PHE A 75 1.57 -10.20 13.85
CA PHE A 75 0.38 -9.65 14.42
C PHE A 75 -0.38 -10.72 15.12
N SER A 76 -1.24 -10.28 16.03
CA SER A 76 -2.09 -11.22 16.75
C SER A 76 -3.47 -11.28 16.12
N VAL A 77 -4.01 -12.49 15.99
CA VAL A 77 -5.31 -12.69 15.37
C VAL A 77 -6.38 -12.08 16.26
N LYS A 78 -6.08 -11.77 17.50
CA LYS A 78 -7.05 -11.14 18.37
C LYS A 78 -7.19 -9.63 18.10
N GLU A 79 -6.25 -9.01 17.40
CA GLU A 79 -6.25 -7.55 17.21
C GLU A 79 -7.01 -7.15 15.93
N HIS A 80 -8.34 -7.21 15.96
CA HIS A 80 -9.11 -7.10 14.75
C HIS A 80 -8.97 -5.77 14.09
N ARG A 81 -9.04 -4.69 14.87
CA ARG A 81 -8.98 -3.39 14.30
C ARG A 81 -7.63 -3.16 13.63
N LYS A 82 -6.55 -3.60 14.27
CA LYS A 82 -5.23 -3.47 13.71
C LYS A 82 -5.18 -4.17 12.38
N ILE A 83 -5.82 -5.34 12.32
CA ILE A 83 -5.78 -6.13 11.10
C ILE A 83 -6.54 -5.42 9.96
N TYR A 84 -7.74 -4.91 10.27
CA TYR A 84 -8.53 -4.21 9.29
C TYR A 84 -7.72 -2.99 8.78
N THR A 85 -7.04 -2.28 9.66
CA THR A 85 -6.21 -1.14 9.26
C THR A 85 -5.15 -1.57 8.28
N MET A 86 -4.48 -2.68 8.54
CA MET A 86 -3.45 -3.17 7.65
C MET A 86 -3.99 -3.59 6.31
N ILE A 87 -5.15 -4.23 6.33
CA ILE A 87 -5.76 -4.67 5.09
C ILE A 87 -6.20 -3.49 4.20
N TYR A 88 -6.84 -2.48 4.82
CA TYR A 88 -7.33 -1.31 4.13
C TYR A 88 -6.23 -0.59 3.35
N ARG A 89 -5.02 -0.58 3.85
CA ARG A 89 -3.92 -0.01 3.08
C ARG A 89 -3.64 -0.78 1.82
N ASN A 90 -4.16 -2.01 1.69
CA ASN A 90 -3.88 -2.79 0.49
C ASN A 90 -5.10 -2.96 -0.44
N LEU A 91 -6.07 -2.06 -0.32
CA LEU A 91 -7.26 -2.15 -1.15
C LEU A 91 -7.88 -0.80 -1.39
N VAL A 92 -8.89 -0.79 -2.25
CA VAL A 92 -9.74 0.39 -2.45
C VAL A 92 -11.16 0.02 -2.03
N VAL A 93 -11.78 0.85 -1.18
CA VAL A 93 -13.15 0.61 -0.75
CA VAL A 93 -13.15 0.61 -0.75
C VAL A 93 -14.07 0.96 -1.93
N VAL A 94 -15.05 0.11 -2.16
CA VAL A 94 -16.08 0.35 -3.16
C VAL A 94 -17.26 1.02 -2.49
N ASN A 95 -17.58 2.22 -2.92
CA ASN A 95 -18.76 2.91 -2.44
C ASN A 95 -20.00 2.04 -2.65
N GLN A 96 -20.88 2.16 -1.64
CA GLN A 96 -22.03 1.33 -1.30
C GLN A 96 -22.01 -0.12 -1.69
N MET B 1 1.25 18.98 -10.83
CA MET B 1 2.62 19.43 -11.13
C MET B 1 3.02 20.69 -10.36
N GLN B 2 2.70 20.75 -9.06
CA GLN B 2 3.42 21.61 -8.11
C GLN B 2 3.03 21.24 -6.64
N ILE B 3 4.09 21.08 -5.88
CA ILE B 3 4.03 20.53 -4.54
C ILE B 3 4.77 21.49 -3.64
N PRO B 4 4.21 21.81 -2.48
CA PRO B 4 4.99 22.73 -1.64
C PRO B 4 6.37 22.19 -1.23
N ALA B 5 7.37 23.07 -1.10
CA ALA B 5 8.75 22.69 -0.74
C ALA B 5 8.82 21.92 0.55
N SER B 6 8.08 22.37 1.56
CA SER B 6 8.00 21.59 2.80
C SER B 6 7.63 20.13 2.52
N GLU B 7 6.72 19.89 1.57
CA GLU B 7 6.24 18.53 1.36
C GLU B 7 7.28 17.67 0.60
N GLN B 8 8.06 18.30 -0.28
CA GLN B 8 9.14 17.60 -0.99
C GLN B 8 10.22 17.12 -0.04
N GLU B 9 10.36 17.87 1.06
CA GLU B 9 11.32 17.54 2.10
C GLU B 9 10.78 16.56 3.12
N THR B 10 9.54 16.09 2.98
CA THR B 10 8.98 15.14 3.95
C THR B 10 9.87 13.93 4.05
N LEU B 11 10.14 13.52 5.27
CA LEU B 11 10.85 12.29 5.56
C LEU B 11 9.95 11.09 5.59
N VAL B 12 10.38 10.01 4.92
CA VAL B 12 9.61 8.86 4.68
C VAL B 12 10.44 7.61 4.69
N ARG B 13 9.79 6.49 5.05
CA ARG B 13 10.40 5.18 5.02
C ARG B 13 9.62 4.26 4.13
N PRO B 14 10.16 3.98 2.92
CA PRO B 14 9.48 3.14 1.98
C PRO B 14 9.21 1.72 2.57
N LYS B 15 8.06 1.16 2.24
CA LYS B 15 7.70 -0.18 2.66
C LYS B 15 8.54 -1.12 1.81
N PRO B 16 8.61 -2.38 2.18
CA PRO B 16 9.61 -3.26 1.60
C PRO B 16 9.66 -3.37 0.11
N LEU B 17 8.54 -3.39 -0.57
CA LEU B 17 8.59 -3.58 -1.99
C LEU B 17 9.05 -2.29 -2.69
N LEU B 18 8.59 -1.13 -2.25
CA LEU B 18 9.08 0.10 -2.83
C LEU B 18 10.59 0.23 -2.54
N LEU B 19 11.01 -0.17 -1.34
CA LEU B 19 12.40 -0.03 -0.94
C LEU B 19 13.26 -0.89 -1.80
N LYS B 20 12.80 -2.10 -2.10
CA LYS B 20 13.54 -2.96 -3.05
C LYS B 20 13.68 -2.31 -4.45
N LEU B 21 12.61 -1.75 -4.96
CA LEU B 21 12.67 -1.08 -6.25
C LEU B 21 13.74 0.06 -6.25
N LEU B 22 13.74 0.90 -5.22
CA LEU B 22 14.74 1.98 -5.12
C LEU B 22 16.18 1.44 -5.02
N LYS B 23 16.37 0.47 -4.18
CA LYS B 23 17.67 -0.16 -4.02
C LYS B 23 18.16 -0.83 -5.28
N SER B 24 17.24 -1.30 -6.12
CA SER B 24 17.62 -1.91 -7.36
C SER B 24 18.30 -0.94 -8.33
N VAL B 25 18.11 0.37 -8.16
CA VAL B 25 18.80 1.37 -8.98
C VAL B 25 19.85 2.13 -8.23
N GLY B 26 20.28 1.59 -7.09
CA GLY B 26 21.42 2.10 -6.38
C GLY B 26 21.14 2.94 -5.14
N ALA B 27 19.90 3.04 -4.70
CA ALA B 27 19.62 3.71 -3.42
C ALA B 27 20.24 2.91 -2.27
N GLN B 28 20.69 3.59 -1.23
CA GLN B 28 21.51 3.01 -0.19
C GLN B 28 20.92 3.10 1.18
N LYS B 29 19.82 3.81 1.36
CA LYS B 29 19.33 4.16 2.70
C LYS B 29 17.97 3.55 2.96
N ASP B 30 17.47 3.78 4.15
CA ASP B 30 16.13 3.33 4.52
C ASP B 30 15.15 4.45 4.72
N THR B 31 15.66 5.62 5.02
CA THR B 31 14.86 6.82 5.23
C THR B 31 15.27 7.87 4.15
N TYR B 32 14.28 8.53 3.53
CA TYR B 32 14.51 9.39 2.39
C TYR B 32 13.66 10.61 2.54
N THR B 33 13.99 11.69 1.84
CA THR B 33 12.98 12.71 1.58
C THR B 33 12.19 12.29 0.34
N MET B 34 11.01 12.85 0.18
CA MET B 34 10.21 12.56 -1.02
C MET B 34 11.00 12.90 -2.26
N LYS B 35 11.74 14.00 -2.19
CA LYS B 35 12.60 14.48 -3.29
C LYS B 35 13.60 13.37 -3.73
N GLU B 36 14.19 12.68 -2.74
CA GLU B 36 15.17 11.58 -3.03
C GLU B 36 14.45 10.38 -3.60
N VAL B 37 13.26 10.07 -3.08
CA VAL B 37 12.47 8.99 -3.62
C VAL B 37 12.19 9.23 -5.10
N LEU B 38 11.76 10.43 -5.42
CA LEU B 38 11.49 10.77 -6.84
C LEU B 38 12.76 10.65 -7.73
N PHE B 39 13.91 11.02 -7.20
CA PHE B 39 15.14 10.86 -7.97
C PHE B 39 15.27 9.43 -8.38
N TYR B 40 15.20 8.53 -7.42
CA TYR B 40 15.42 7.12 -7.76
C TYR B 40 14.32 6.54 -8.63
N LEU B 41 13.07 6.99 -8.44
CA LEU B 41 11.99 6.52 -9.32
C LEU B 41 12.30 6.95 -10.73
N GLY B 42 12.83 8.16 -10.90
CA GLY B 42 13.23 8.64 -12.25
C GLY B 42 14.23 7.71 -12.90
N GLN B 43 15.22 7.29 -12.12
CA GLN B 43 16.27 6.37 -12.64
C GLN B 43 15.68 5.02 -12.98
N TYR B 44 14.79 4.55 -12.11
CA TYR B 44 14.12 3.29 -12.31
C TYR B 44 13.32 3.27 -13.60
N ILE B 45 12.48 4.29 -13.76
CA ILE B 45 11.65 4.44 -14.95
C ILE B 45 12.52 4.44 -16.22
N MET B 46 13.62 5.21 -16.20
CA MET B 46 14.53 5.31 -17.35
C MET B 46 15.15 3.95 -17.61
N THR B 47 15.66 3.31 -16.59
CA THR B 47 16.30 2.01 -16.72
C THR B 47 15.39 0.91 -17.21
N LYS B 48 14.15 0.85 -16.73
CA LYS B 48 13.23 -0.16 -17.23
C LYS B 48 12.56 0.28 -18.54
N ARG B 49 12.87 1.49 -18.99
CA ARG B 49 12.37 2.04 -20.25
C ARG B 49 10.84 2.09 -20.29
N LEU B 50 10.22 2.69 -19.27
CA LEU B 50 8.76 2.64 -19.15
C LEU B 50 8.09 3.82 -19.84
N TYR B 51 8.87 4.77 -20.39
CA TYR B 51 8.27 5.95 -20.99
C TYR B 51 7.62 5.51 -22.27
N ASP B 52 6.47 6.09 -22.59
CA ASP B 52 5.85 5.79 -23.90
C ASP B 52 6.66 6.49 -25.02
N GLU B 53 6.95 5.74 -26.09
CA GLU B 53 7.70 6.26 -27.23
C GLU B 53 7.01 7.44 -27.88
N LYS B 54 5.70 7.34 -28.04
CA LYS B 54 4.87 8.37 -28.69
C LYS B 54 4.53 9.57 -27.81
N GLN B 55 4.25 9.35 -26.53
CA GLN B 55 3.92 10.44 -25.62
C GLN B 55 4.87 10.37 -24.43
N GLN B 56 5.95 11.16 -24.47
CA GLN B 56 7.10 10.94 -23.56
C GLN B 56 6.79 11.29 -22.07
N HIS B 57 5.74 12.09 -21.84
CA HIS B 57 5.26 12.40 -20.48
C HIS B 57 4.54 11.22 -19.81
N ILE B 58 4.21 10.19 -20.57
CA ILE B 58 3.52 9.06 -20.03
C ILE B 58 4.49 7.97 -19.59
N VAL B 59 4.29 7.50 -18.35
CA VAL B 59 4.94 6.31 -17.90
C VAL B 59 3.95 5.19 -17.97
N TYR B 60 4.26 4.20 -18.80
CA TYR B 60 3.43 3.04 -18.98
C TYR B 60 3.94 1.91 -18.10
N CYS B 61 3.30 1.68 -16.96
CA CYS B 61 3.85 0.79 -15.93
C CYS B 61 3.00 -0.41 -15.69
N SER B 62 2.03 -0.61 -16.60
CA SER B 62 1.10 -1.69 -16.47
C SER B 62 1.78 -3.07 -16.26
N ASN B 63 2.84 -3.34 -17.01
CA ASN B 63 3.49 -4.66 -16.91
C ASN B 63 4.70 -4.72 -15.96
N ASP B 64 4.73 -3.83 -14.98
CA ASP B 64 5.91 -3.67 -14.17
C ASP B 64 5.47 -3.66 -12.75
N LEU B 65 6.38 -4.07 -11.86
CA LEU B 65 6.17 -3.90 -10.44
C LEU B 65 5.63 -2.50 -10.10
N LEU B 66 6.13 -1.46 -10.77
CA LEU B 66 5.75 -0.07 -10.40
C LEU B 66 4.24 0.10 -10.58
N GLY B 67 3.68 -0.53 -11.59
CA GLY B 67 2.24 -0.54 -11.78
C GLY B 67 1.49 -1.25 -10.68
N ASP B 68 2.01 -2.36 -10.21
CA ASP B 68 1.40 -3.09 -9.03
C ASP B 68 1.41 -2.22 -7.78
N LEU B 69 2.55 -1.58 -7.50
CA LEU B 69 2.65 -0.72 -6.33
C LEU B 69 1.77 0.51 -6.45
N PHE B 70 1.79 1.15 -7.60
CA PHE B 70 1.06 2.41 -7.76
C PHE B 70 -0.46 2.14 -8.00
N GLY B 71 -0.82 0.97 -8.52
CA GLY B 71 -2.20 0.62 -8.76
C GLY B 71 -2.84 1.26 -9.99
N VAL B 72 -2.01 1.57 -10.99
CA VAL B 72 -2.40 2.15 -12.24
C VAL B 72 -1.63 1.50 -13.40
N PRO B 73 -2.21 1.50 -14.61
CA PRO B 73 -1.51 1.11 -15.79
C PRO B 73 -0.56 2.16 -16.35
N SER B 74 -0.79 3.42 -16.02
CA SER B 74 0.00 4.49 -16.51
C SER B 74 -0.22 5.71 -15.67
N PHE B 75 0.74 6.62 -15.76
CA PHE B 75 0.56 7.96 -15.19
C PHE B 75 1.40 8.95 -15.98
N SER B 76 1.02 10.20 -15.85
CA SER B 76 1.75 11.24 -16.48
C SER B 76 2.68 11.87 -15.48
N VAL B 77 3.90 12.14 -15.93
CA VAL B 77 4.90 12.77 -15.09
C VAL B 77 4.47 14.19 -14.73
N LYS B 78 3.52 14.78 -15.42
CA LYS B 78 3.07 16.13 -15.12
C LYS B 78 2.08 16.14 -13.96
N GLU B 79 1.54 14.99 -13.57
CA GLU B 79 0.56 14.93 -12.49
C GLU B 79 1.20 14.69 -11.11
N HIS B 80 1.82 15.74 -10.52
CA HIS B 80 2.69 15.53 -9.35
C HIS B 80 1.93 15.09 -8.17
N ARG B 81 0.77 15.69 -7.94
CA ARG B 81 -0.01 15.32 -6.77
C ARG B 81 -0.44 13.85 -6.83
N LYS B 82 -0.91 13.41 -7.99
CA LYS B 82 -1.33 12.03 -8.18
C LYS B 82 -0.16 11.12 -7.87
N ILE B 83 1.03 11.53 -8.29
CA ILE B 83 2.20 10.67 -8.09
C ILE B 83 2.56 10.58 -6.59
N TYR B 84 2.50 11.70 -5.90
CA TYR B 84 2.77 11.71 -4.47
C TYR B 84 1.75 10.82 -3.75
N THR B 85 0.48 10.90 -4.16
CA THR B 85 -0.57 10.07 -3.57
C THR B 85 -0.25 8.62 -3.75
N MET B 86 0.18 8.23 -4.94
CA MET B 86 0.57 6.86 -5.17
C MET B 86 1.77 6.37 -4.34
N ILE B 87 2.75 7.24 -4.23
CA ILE B 87 3.96 6.93 -3.52
C ILE B 87 3.69 6.81 -2.02
N TYR B 88 2.89 7.71 -1.49
CA TYR B 88 2.51 7.70 -0.05
C TYR B 88 1.84 6.39 0.40
N ARG B 89 1.08 5.75 -0.46
CA ARG B 89 0.55 4.46 -0.13
C ARG B 89 1.61 3.42 0.02
N ASN B 90 2.85 3.68 -0.43
CA ASN B 90 3.91 2.66 -0.33
C ASN B 90 5.00 3.02 0.66
N LEU B 91 4.66 3.88 1.59
CA LEU B 91 5.62 4.24 2.60
C LEU B 91 4.95 4.62 3.91
N VAL B 92 5.79 4.83 4.91
CA VAL B 92 5.35 5.40 6.19
C VAL B 92 6.04 6.74 6.36
N VAL B 93 5.29 7.79 6.68
CA VAL B 93 5.85 9.11 6.91
C VAL B 93 6.50 9.13 8.29
N VAL B 94 7.67 9.74 8.35
CA VAL B 94 8.40 9.91 9.58
C VAL B 94 8.03 11.28 10.14
N ASN B 95 7.42 11.32 11.32
CA ASN B 95 7.07 12.56 12.02
C ASN B 95 8.37 13.40 12.27
N GLN B 96 8.29 14.71 12.11
CA GLN B 96 9.42 15.59 12.42
C GLN B 96 9.00 16.94 13.04
N GLN B 97 9.99 17.71 13.52
CA GLN B 97 9.77 18.97 14.28
N GLN C 2 -11.94 -14.41 -18.29
CA GLN C 2 -12.42 -15.07 -17.06
C GLN C 2 -12.89 -14.09 -15.96
N ILE C 3 -13.31 -12.85 -16.31
CA ILE C 3 -13.89 -11.92 -15.33
C ILE C 3 -15.21 -12.61 -14.99
N PRO C 4 -15.43 -12.92 -13.71
CA PRO C 4 -16.64 -13.68 -13.41
C PRO C 4 -17.90 -12.87 -13.77
N ALA C 5 -18.94 -13.60 -14.20
CA ALA C 5 -20.21 -12.99 -14.61
C ALA C 5 -20.72 -12.13 -13.48
N SER C 6 -20.63 -12.63 -12.24
CA SER C 6 -21.06 -11.82 -11.10
C SER C 6 -20.41 -10.42 -11.20
N GLU C 7 -19.18 -10.30 -11.68
CA GLU C 7 -18.57 -8.92 -11.76
C GLU C 7 -19.25 -8.12 -12.88
N GLN C 8 -19.45 -8.77 -14.01
CA GLN C 8 -20.03 -8.11 -15.19
C GLN C 8 -21.50 -7.66 -15.02
N GLU C 9 -22.26 -8.45 -14.26
CA GLU C 9 -23.65 -8.20 -14.04
C GLU C 9 -23.90 -7.30 -12.84
N THR C 10 -22.84 -6.86 -12.17
CA THR C 10 -23.01 -6.00 -10.99
C THR C 10 -23.78 -4.74 -11.36
N LEU C 11 -24.79 -4.41 -10.56
CA LEU C 11 -25.58 -3.19 -10.70
C LEU C 11 -24.95 -2.00 -10.00
N VAL C 12 -24.82 -0.91 -10.74
CA VAL C 12 -24.01 0.25 -10.35
C VAL C 12 -24.74 1.53 -10.71
N ARG C 13 -24.45 2.57 -9.97
CA ARG C 13 -24.96 3.90 -10.21
C ARG C 13 -23.78 4.82 -10.45
N PRO C 14 -23.53 5.18 -11.71
CA PRO C 14 -22.40 6.05 -12.02
C PRO C 14 -22.54 7.40 -11.28
N LYS C 15 -21.43 7.92 -10.79
CA LYS C 15 -21.37 9.24 -10.19
C LYS C 15 -21.56 10.27 -11.30
N PRO C 16 -21.74 11.55 -10.94
CA PRO C 16 -22.28 12.50 -11.93
C PRO C 16 -21.49 12.72 -13.19
N LEU C 17 -20.18 12.78 -13.11
CA LEU C 17 -19.43 13.05 -14.30
C LEU C 17 -19.43 11.78 -15.20
N LEU C 18 -19.33 10.60 -14.64
CA LEU C 18 -19.37 9.36 -15.50
C LEU C 18 -20.76 9.26 -16.13
N LEU C 19 -21.78 9.60 -15.36
CA LEU C 19 -23.13 9.54 -15.88
C LEU C 19 -23.34 10.50 -17.04
N LYS C 20 -22.76 11.69 -16.94
CA LYS C 20 -22.78 12.63 -18.06
C LYS C 20 -22.08 12.09 -19.32
N LEU C 21 -20.91 11.54 -19.14
CA LEU C 21 -20.22 10.93 -20.25
C LEU C 21 -21.13 9.84 -20.95
N LEU C 22 -21.73 8.94 -20.18
CA LEU C 22 -22.54 7.85 -20.76
C LEU C 22 -23.75 8.41 -21.45
N LYS C 23 -24.42 9.39 -20.83
CA LYS C 23 -25.53 10.07 -21.45
C LYS C 23 -25.18 10.85 -22.68
N SER C 24 -23.97 11.36 -22.75
CA SER C 24 -23.50 12.02 -23.99
C SER C 24 -23.43 11.11 -25.25
N VAL C 25 -23.36 9.79 -25.07
CA VAL C 25 -23.39 8.88 -26.21
C VAL C 25 -24.72 8.09 -26.25
N GLY C 26 -25.75 8.61 -25.55
CA GLY C 26 -27.10 8.11 -25.70
C GLY C 26 -27.62 7.19 -24.61
N ALA C 27 -26.87 6.99 -23.53
CA ALA C 27 -27.42 6.19 -22.44
C ALA C 27 -28.64 6.94 -21.84
N GLN C 28 -29.58 6.19 -21.30
CA GLN C 28 -30.88 6.72 -20.89
C GLN C 28 -31.25 6.55 -19.46
N LYS C 29 -30.46 5.88 -18.64
CA LYS C 29 -30.89 5.60 -17.25
C LYS C 29 -29.91 6.06 -16.21
N ASP C 30 -30.21 5.75 -14.96
CA ASP C 30 -29.36 6.12 -13.84
C ASP C 30 -28.60 4.92 -13.25
N THR C 31 -29.12 3.71 -13.47
CA THR C 31 -28.55 2.47 -12.95
C THR C 31 -28.21 1.55 -14.12
N TYR C 32 -27.07 0.84 -14.05
CA TYR C 32 -26.55 0.02 -15.17
C TYR C 32 -25.92 -1.22 -14.63
N THR C 33 -25.76 -2.24 -15.45
CA THR C 33 -24.78 -3.26 -15.12
C THR C 33 -23.41 -2.80 -15.59
N MET C 34 -22.34 -3.34 -15.02
CA MET C 34 -20.99 -3.07 -15.54
C MET C 34 -20.88 -3.33 -17.04
N LYS C 35 -21.48 -4.42 -17.50
CA LYS C 35 -21.59 -4.80 -18.92
C LYS C 35 -22.18 -3.67 -19.79
N GLU C 36 -23.25 -3.00 -19.32
CA GLU C 36 -23.83 -1.85 -20.01
C GLU C 36 -22.93 -0.64 -19.98
N VAL C 37 -22.28 -0.41 -18.85
CA VAL C 37 -21.35 0.70 -18.75
C VAL C 37 -20.27 0.53 -19.81
N LEU C 38 -19.70 -0.68 -19.91
CA LEU C 38 -18.69 -0.95 -20.91
C LEU C 38 -19.16 -0.73 -22.33
N PHE C 39 -20.38 -1.13 -22.65
CA PHE C 39 -20.93 -0.84 -23.95
C PHE C 39 -20.83 0.65 -24.27
N TYR C 40 -21.37 1.52 -23.40
CA TYR C 40 -21.34 2.94 -23.70
C TYR C 40 -19.93 3.55 -23.72
N LEU C 41 -19.06 3.07 -22.83
CA LEU C 41 -17.67 3.48 -22.89
C LEU C 41 -17.03 3.17 -24.25
N GLY C 42 -17.35 2.00 -24.77
CA GLY C 42 -16.80 1.64 -26.09
C GLY C 42 -17.22 2.65 -27.16
N GLN C 43 -18.49 3.05 -27.12
CA GLN C 43 -19.05 3.99 -28.07
C GLN C 43 -18.37 5.34 -27.90
N TYR C 44 -18.20 5.76 -26.64
CA TYR C 44 -17.54 7.01 -26.34
C TYR C 44 -16.12 7.07 -26.89
N ILE C 45 -15.35 6.04 -26.59
CA ILE C 45 -13.97 5.98 -27.05
C ILE C 45 -13.87 6.06 -28.57
N MET C 46 -14.75 5.33 -29.25
CA MET C 46 -14.78 5.35 -30.72
C MET C 46 -15.20 6.73 -31.22
N THR C 47 -16.25 7.31 -30.64
CA THR C 47 -16.72 8.59 -31.10
C THR C 47 -15.71 9.72 -30.88
N LYS C 48 -15.01 9.73 -29.75
CA LYS C 48 -14.01 10.76 -29.52
C LYS C 48 -12.67 10.42 -30.20
N ARG C 49 -12.59 9.25 -30.84
CA ARG C 49 -11.43 8.77 -31.55
C ARG C 49 -10.17 8.71 -30.67
N LEU C 50 -10.27 8.04 -29.52
CA LEU C 50 -9.17 8.06 -28.56
C LEU C 50 -8.20 6.93 -28.79
N TYR C 51 -8.50 6.03 -29.71
CA TYR C 51 -7.57 4.91 -29.99
C TYR C 51 -6.32 5.37 -30.68
N ASP C 52 -5.20 4.71 -30.41
CA ASP C 52 -3.95 5.01 -31.13
C ASP C 52 -3.98 4.41 -32.55
N GLU C 53 -3.64 5.19 -33.56
CA GLU C 53 -3.66 4.73 -34.96
C GLU C 53 -2.71 3.54 -35.20
N LYS C 54 -1.51 3.60 -34.63
CA LYS C 54 -0.54 2.53 -34.75
C LYS C 54 -0.94 1.30 -33.91
N GLN C 55 -1.27 1.49 -32.63
CA GLN C 55 -1.46 0.37 -31.69
C GLN C 55 -2.90 0.46 -31.25
N GLN C 56 -3.77 -0.25 -31.97
CA GLN C 56 -5.24 -0.04 -31.91
C GLN C 56 -5.87 -0.45 -30.54
N HIS C 57 -5.16 -1.30 -29.78
CA HIS C 57 -5.55 -1.64 -28.42
C HIS C 57 -5.27 -0.53 -27.36
N ILE C 58 -4.52 0.52 -27.69
CA ILE C 58 -4.19 1.56 -26.73
C ILE C 58 -5.14 2.76 -26.83
N VAL C 59 -5.66 3.18 -25.69
CA VAL C 59 -6.51 4.38 -25.62
C VAL C 59 -5.61 5.46 -25.04
N TYR C 60 -5.51 6.58 -25.74
CA TYR C 60 -4.92 7.80 -25.21
C TYR C 60 -5.98 8.75 -24.78
N CYS C 61 -6.11 8.98 -23.49
CA CYS C 61 -7.22 9.78 -22.97
C CYS C 61 -6.79 10.97 -22.18
N SER C 62 -5.50 11.28 -22.24
CA SER C 62 -4.94 12.31 -21.33
C SER C 62 -5.49 13.69 -21.54
N ASN C 63 -6.09 14.00 -22.69
CA ASN C 63 -6.74 15.31 -22.83
C ASN C 63 -8.26 15.25 -22.88
N ASP C 64 -8.83 14.25 -22.24
CA ASP C 64 -10.23 13.99 -22.40
C ASP C 64 -10.79 13.79 -21.05
N LEU C 65 -12.06 14.10 -20.90
CA LEU C 65 -12.75 13.78 -19.64
C LEU C 65 -12.52 12.32 -19.18
N LEU C 66 -12.42 11.38 -20.12
CA LEU C 66 -12.23 9.98 -19.72
C LEU C 66 -10.91 9.80 -18.95
N GLY C 67 -9.88 10.53 -19.34
CA GLY C 67 -8.63 10.57 -18.58
C GLY C 67 -8.78 11.12 -17.17
N ASP C 68 -9.59 12.17 -16.98
CA ASP C 68 -9.86 12.67 -15.59
C ASP C 68 -10.57 11.62 -14.78
N LEU C 69 -11.57 10.98 -15.39
CA LEU C 69 -12.34 10.03 -14.60
C LEU C 69 -11.60 8.71 -14.31
N PHE C 70 -10.83 8.26 -15.27
CA PHE C 70 -10.07 7.07 -15.08
C PHE C 70 -8.80 7.33 -14.24
N GLY C 71 -8.31 8.55 -14.23
CA GLY C 71 -7.11 8.90 -13.50
C GLY C 71 -5.80 8.42 -14.16
N VAL C 72 -5.80 8.26 -15.49
CA VAL C 72 -4.61 7.83 -16.26
C VAL C 72 -4.55 8.55 -17.62
N PRO C 73 -3.35 8.60 -18.21
CA PRO C 73 -3.25 9.21 -19.52
C PRO C 73 -3.47 8.21 -20.64
N SER C 74 -3.33 6.94 -20.34
CA SER C 74 -3.55 5.91 -21.35
C SER C 74 -3.75 4.54 -20.69
N PHE C 75 -4.30 3.61 -21.46
CA PHE C 75 -4.57 2.25 -21.02
C PHE C 75 -4.83 1.32 -22.21
N SER C 76 -4.61 0.02 -22.00
CA SER C 76 -4.90 -0.97 -23.00
C SER C 76 -6.24 -1.62 -22.80
N VAL C 77 -7.01 -1.72 -23.88
CA VAL C 77 -8.33 -2.30 -23.82
C VAL C 77 -8.30 -3.76 -23.44
N LYS C 78 -7.13 -4.39 -23.57
CA LYS C 78 -7.03 -5.79 -23.27
C LYS C 78 -6.93 -6.06 -21.78
N GLU C 79 -6.66 -5.02 -20.98
CA GLU C 79 -6.48 -5.17 -19.52
C GLU C 79 -7.77 -4.95 -18.75
N HIS C 80 -8.64 -5.98 -18.78
CA HIS C 80 -10.02 -5.80 -18.33
C HIS C 80 -10.12 -5.51 -16.87
N ARG C 81 -9.36 -6.25 -16.04
CA ARG C 81 -9.45 -5.98 -14.59
C ARG C 81 -9.02 -4.56 -14.25
N LYS C 82 -7.97 -4.07 -14.92
CA LYS C 82 -7.52 -2.70 -14.70
C LYS C 82 -8.53 -1.67 -15.08
N ILE C 83 -9.27 -1.95 -16.14
CA ILE C 83 -10.33 -1.06 -16.55
C ILE C 83 -11.44 -1.04 -15.54
N TYR C 84 -11.81 -2.22 -15.03
CA TYR C 84 -12.87 -2.26 -14.04
C TYR C 84 -12.46 -1.42 -12.83
N THR C 85 -11.20 -1.54 -12.43
CA THR C 85 -10.74 -0.72 -11.33
C THR C 85 -10.91 0.76 -11.59
N MET C 86 -10.56 1.20 -12.80
CA MET C 86 -10.73 2.59 -13.11
C MET C 86 -12.19 3.05 -13.15
N ILE C 87 -13.06 2.18 -13.59
CA ILE C 87 -14.48 2.54 -13.63
C ILE C 87 -15.03 2.67 -12.23
N TYR C 88 -14.63 1.75 -11.34
CA TYR C 88 -15.12 1.75 -9.97
C TYR C 88 -14.87 3.02 -9.17
N ARG C 89 -13.81 3.73 -9.50
CA ARG C 89 -13.53 5.06 -9.01
C ARG C 89 -14.75 5.97 -9.18
N ASN C 90 -15.58 5.68 -10.19
CA ASN C 90 -16.62 6.59 -10.59
C ASN C 90 -18.03 6.06 -10.45
N LEU C 91 -18.23 5.14 -9.53
CA LEU C 91 -19.56 4.71 -9.25
C LEU C 91 -19.84 4.24 -7.82
N VAL C 92 -21.11 4.03 -7.56
CA VAL C 92 -21.57 3.41 -6.33
C VAL C 92 -22.27 2.10 -6.68
N VAL C 93 -21.96 1.02 -5.97
CA VAL C 93 -22.56 -0.28 -6.24
C VAL C 93 -23.95 -0.29 -5.56
N VAL C 94 -24.99 -0.81 -6.22
CA VAL C 94 -26.37 -0.70 -5.70
C VAL C 94 -26.64 -1.80 -4.66
N ILE D 3 21.36 -0.05 8.92
CA ILE D 3 22.77 -0.18 8.48
C ILE D 3 23.48 1.18 8.38
N PRO D 4 23.07 2.11 7.50
CA PRO D 4 23.96 3.28 7.36
C PRO D 4 24.10 4.12 8.64
N ALA D 5 25.31 4.67 8.89
CA ALA D 5 25.59 5.49 10.10
C ALA D 5 24.62 6.61 10.19
N SER D 6 24.33 7.24 9.07
CA SER D 6 23.34 8.29 9.13
C SER D 6 22.09 7.85 9.82
N GLU D 7 21.66 6.60 9.62
CA GLU D 7 20.38 6.19 10.24
C GLU D 7 20.60 6.10 11.77
N GLN D 8 21.72 5.54 12.13
CA GLN D 8 22.03 5.28 13.52
C GLN D 8 22.26 6.54 14.36
N GLU D 9 22.79 7.57 13.72
CA GLU D 9 23.10 8.80 14.39
C GLU D 9 21.92 9.78 14.39
N THR D 10 20.80 9.43 13.79
CA THR D 10 19.67 10.32 13.71
C THR D 10 19.19 10.72 15.10
N LEU D 11 18.97 12.01 15.30
CA LEU D 11 18.47 12.55 16.57
C LEU D 11 16.99 12.56 16.62
N VAL D 12 16.45 12.05 17.72
CA VAL D 12 15.01 11.73 17.84
C VAL D 12 14.53 12.07 19.22
N ARG D 13 13.25 12.42 19.28
CA ARG D 13 12.58 12.71 20.53
C ARG D 13 11.46 11.66 20.73
N PRO D 14 11.66 10.66 21.60
CA PRO D 14 10.66 9.61 21.81
C PRO D 14 9.31 10.19 22.30
N LYS D 15 8.21 9.64 21.81
CA LYS D 15 6.89 9.99 22.28
C LYS D 15 6.70 9.39 23.68
N PRO D 16 5.61 9.73 24.38
CA PRO D 16 5.64 9.53 25.82
C PRO D 16 5.78 8.09 26.28
N LEU D 17 5.17 7.14 25.59
CA LEU D 17 5.23 5.78 26.02
C LEU D 17 6.63 5.23 25.82
N LEU D 18 7.25 5.51 24.69
CA LEU D 18 8.60 5.00 24.49
C LEU D 18 9.53 5.71 25.47
N LEU D 19 9.30 6.99 25.74
CA LEU D 19 10.15 7.70 26.69
C LEU D 19 10.09 7.11 28.08
N LYS D 20 8.88 6.70 28.47
CA LYS D 20 8.67 6.01 29.75
C LYS D 20 9.42 4.70 29.86
N LEU D 21 9.31 3.92 28.82
CA LEU D 21 10.06 2.68 28.76
C LEU D 21 11.59 2.95 28.94
N LEU D 22 12.13 3.91 28.19
CA LEU D 22 13.57 4.15 28.23
C LEU D 22 13.99 4.63 29.63
N LYS D 23 13.23 5.58 30.21
CA LYS D 23 13.48 6.04 31.53
C LYS D 23 13.35 4.95 32.61
N SER D 24 12.47 3.97 32.38
CA SER D 24 12.33 2.86 33.32
C SER D 24 13.58 1.98 33.39
N VAL D 25 14.48 2.03 32.40
CA VAL D 25 15.76 1.30 32.52
C VAL D 25 16.97 2.24 32.68
N GLY D 26 16.70 3.47 33.11
CA GLY D 26 17.73 4.39 33.51
C GLY D 26 18.08 5.50 32.55
N ALA D 27 17.40 5.63 31.43
CA ALA D 27 17.74 6.69 30.49
C ALA D 27 17.40 8.04 31.16
N GLN D 28 18.15 9.08 30.84
CA GLN D 28 18.06 10.35 31.57
C GLN D 28 17.63 11.54 30.78
N LYS D 29 17.42 11.41 29.47
CA LYS D 29 17.29 12.55 28.58
C LYS D 29 15.93 12.55 27.87
N ASP D 30 15.66 13.59 27.11
CA ASP D 30 14.49 13.64 26.23
C ASP D 30 14.82 13.42 24.74
N THR D 31 16.07 13.65 24.37
CA THR D 31 16.56 13.54 23.01
C THR D 31 17.66 12.46 22.93
N TYR D 32 17.66 11.62 21.90
CA TYR D 32 18.59 10.48 21.78
C TYR D 32 19.01 10.33 20.35
N THR D 33 20.13 9.64 20.10
CA THR D 33 20.33 9.09 18.76
C THR D 33 19.64 7.75 18.72
N MET D 34 19.39 7.27 17.51
CA MET D 34 18.76 5.98 17.33
C MET D 34 19.62 4.85 17.95
N LYS D 35 20.93 5.02 17.84
CA LYS D 35 21.95 4.15 18.51
C LYS D 35 21.71 4.07 20.06
N GLU D 36 21.44 5.20 20.70
CA GLU D 36 21.17 5.21 22.14
C GLU D 36 19.87 4.55 22.42
N VAL D 37 18.85 4.86 21.60
CA VAL D 37 17.54 4.23 21.80
C VAL D 37 17.67 2.70 21.80
N LEU D 38 18.39 2.17 20.82
CA LEU D 38 18.69 0.72 20.79
C LEU D 38 19.43 0.12 21.99
N PHE D 39 20.44 0.83 22.52
CA PHE D 39 21.05 0.43 23.71
C PHE D 39 20.01 0.17 24.80
N TYR D 40 19.18 1.16 25.10
CA TYR D 40 18.25 1.05 26.20
C TYR D 40 17.17 0.00 25.95
N LEU D 41 16.70 -0.11 24.71
CA LEU D 41 15.79 -1.21 24.36
C LEU D 41 16.37 -2.59 24.62
N GLY D 42 17.65 -2.75 24.31
CA GLY D 42 18.35 -3.99 24.64
C GLY D 42 18.26 -4.33 26.11
N GLN D 43 18.50 -3.30 26.95
CA GLN D 43 18.52 -3.46 28.39
C GLN D 43 17.11 -3.81 28.86
N TYR D 44 16.13 -3.11 28.29
CA TYR D 44 14.76 -3.37 28.65
C TYR D 44 14.36 -4.82 28.36
N ILE D 45 14.65 -5.26 27.15
CA ILE D 45 14.30 -6.61 26.75
C ILE D 45 14.92 -7.67 27.70
N MET D 46 16.20 -7.48 28.03
CA MET D 46 16.95 -8.39 28.88
C MET D 46 16.34 -8.38 30.26
N THR D 47 16.07 -7.19 30.78
CA THR D 47 15.49 -7.03 32.09
C THR D 47 14.11 -7.65 32.25
N LYS D 48 13.23 -7.46 31.27
CA LYS D 48 11.89 -8.06 31.37
C LYS D 48 11.88 -9.50 30.90
N ARG D 49 13.03 -10.00 30.44
CA ARG D 49 13.24 -11.39 30.02
C ARG D 49 12.30 -11.77 28.88
N LEU D 50 12.27 -10.97 27.80
CA LEU D 50 11.29 -11.17 26.76
C LEU D 50 11.80 -12.10 25.69
N TYR D 51 13.06 -12.50 25.76
CA TYR D 51 13.61 -13.41 24.79
C TYR D 51 13.00 -14.79 24.94
N ASP D 52 12.84 -15.48 23.81
CA ASP D 52 12.42 -16.88 23.87
C ASP D 52 13.57 -17.81 24.30
N GLU D 53 13.32 -18.77 25.20
CA GLU D 53 14.24 -19.91 25.42
C GLU D 53 14.20 -20.74 24.13
N LYS D 54 15.29 -21.35 23.70
CA LYS D 54 15.22 -22.10 22.44
C LYS D 54 15.59 -21.22 21.25
N GLN D 55 14.71 -20.27 20.90
CA GLN D 55 15.02 -19.35 19.78
C GLN D 55 15.39 -17.93 20.33
N GLN D 56 16.66 -17.77 20.71
CA GLN D 56 17.11 -16.62 21.54
C GLN D 56 17.11 -15.28 20.80
N HIS D 57 17.01 -15.32 19.47
CA HIS D 57 16.79 -14.13 18.66
C HIS D 57 15.33 -13.60 18.64
N ILE D 58 14.37 -14.37 19.14
CA ILE D 58 12.97 -13.97 19.08
C ILE D 58 12.56 -13.26 20.38
N VAL D 59 11.95 -12.09 20.23
CA VAL D 59 11.41 -11.37 21.37
C VAL D 59 9.91 -11.58 21.33
N TYR D 60 9.36 -12.10 22.44
CA TYR D 60 7.93 -12.18 22.63
C TYR D 60 7.47 -11.06 23.51
N CYS D 61 6.73 -10.11 22.98
CA CYS D 61 6.39 -8.90 23.73
C CYS D 61 4.91 -8.65 23.87
N SER D 62 4.16 -9.68 23.55
CA SER D 62 2.75 -9.56 23.50
C SER D 62 2.10 -9.05 24.82
N ASN D 63 2.61 -9.46 25.95
CA ASN D 63 1.93 -9.00 27.14
C ASN D 63 2.62 -7.83 27.81
N ASP D 64 3.36 -7.03 27.04
CA ASP D 64 4.31 -6.10 27.61
C ASP D 64 4.11 -4.77 26.95
N LEU D 65 4.42 -3.73 27.69
CA LEU D 65 4.43 -2.37 27.13
C LEU D 65 5.18 -2.26 25.80
N LEU D 66 6.28 -3.02 25.64
CA LEU D 66 6.99 -2.99 24.36
C LEU D 66 6.12 -3.46 23.20
N GLY D 67 5.27 -4.47 23.45
CA GLY D 67 4.35 -4.92 22.44
C GLY D 67 3.30 -3.87 22.11
N ASP D 68 2.83 -3.14 23.10
CA ASP D 68 1.90 -2.01 22.83
C ASP D 68 2.54 -0.96 21.98
N LEU D 69 3.77 -0.58 22.33
CA LEU D 69 4.34 0.54 21.58
C LEU D 69 4.86 0.11 20.19
N PHE D 70 5.36 -1.12 20.03
CA PHE D 70 5.78 -1.61 18.72
C PHE D 70 4.56 -2.00 17.87
N GLY D 71 3.43 -2.32 18.50
CA GLY D 71 2.25 -2.78 17.79
C GLY D 71 2.33 -4.21 17.24
N VAL D 72 3.17 -5.09 17.85
CA VAL D 72 3.36 -6.47 17.40
C VAL D 72 3.49 -7.39 18.60
N PRO D 73 3.22 -8.68 18.42
CA PRO D 73 3.36 -9.64 19.54
C PRO D 73 4.75 -10.23 19.63
N SER D 74 5.50 -10.15 18.54
CA SER D 74 6.86 -10.67 18.48
C SER D 74 7.66 -10.13 17.31
N PHE D 75 9.00 -10.23 17.43
CA PHE D 75 9.90 -9.83 16.38
C PHE D 75 11.26 -10.45 16.56
N SER D 76 12.06 -10.51 15.49
CA SER D 76 13.41 -11.03 15.60
C SER D 76 14.41 -9.92 15.72
N VAL D 77 15.39 -10.09 16.61
CA VAL D 77 16.39 -9.11 16.83
C VAL D 77 17.33 -8.99 15.65
N LYS D 78 17.33 -9.99 14.76
CA LYS D 78 18.16 -9.92 13.57
C LYS D 78 17.59 -9.00 12.48
N GLU D 79 16.33 -8.60 12.60
CA GLU D 79 15.65 -7.84 11.54
C GLU D 79 15.75 -6.35 11.83
N HIS D 80 16.93 -5.78 11.57
CA HIS D 80 17.20 -4.40 12.07
C HIS D 80 16.32 -3.35 11.43
N ARG D 81 16.15 -3.43 10.14
CA ARG D 81 15.33 -2.41 9.47
C ARG D 81 13.88 -2.41 9.99
N LYS D 82 13.33 -3.60 10.17
CA LYS D 82 12.00 -3.71 10.75
C LYS D 82 11.87 -3.13 12.13
N ILE D 83 12.92 -3.31 12.91
CA ILE D 83 12.93 -2.75 14.23
C ILE D 83 12.98 -1.22 14.18
N TYR D 84 13.82 -0.67 13.29
CA TYR D 84 13.83 0.76 13.14
C TYR D 84 12.47 1.31 12.79
N THR D 85 11.77 0.62 11.88
CA THR D 85 10.45 1.01 11.55
C THR D 85 9.49 1.05 12.74
N MET D 86 9.52 0.02 13.57
CA MET D 86 8.69 -0.01 14.75
C MET D 86 9.04 1.12 15.74
N ILE D 87 10.32 1.40 15.85
CA ILE D 87 10.74 2.50 16.73
C ILE D 87 10.27 3.87 16.20
N TYR D 88 10.42 4.09 14.89
CA TYR D 88 10.00 5.34 14.28
C TYR D 88 8.58 5.74 14.52
N ARG D 89 7.68 4.75 14.64
CA ARG D 89 6.30 4.99 15.06
C ARG D 89 6.21 5.76 16.35
N ASN D 90 7.25 5.64 17.18
CA ASN D 90 7.16 6.10 18.51
C ASN D 90 8.02 7.29 18.82
N LEU D 91 8.38 8.03 17.79
CA LEU D 91 9.16 9.20 17.99
C LEU D 91 8.95 10.29 16.91
N VAL D 92 9.58 11.45 17.17
CA VAL D 92 9.64 12.55 16.26
C VAL D 92 11.09 12.85 15.99
N VAL D 93 11.47 12.98 14.73
CA VAL D 93 12.85 13.22 14.33
C VAL D 93 13.13 14.69 14.57
N VAL D 94 14.26 14.99 15.16
CA VAL D 94 14.57 16.39 15.50
C VAL D 94 15.18 17.19 14.32
N ASN D 95 14.75 18.45 14.19
CA ASN D 95 15.34 19.43 13.25
C ASN D 95 16.72 19.90 13.72
C5 4NJ E . -8.25 -17.50 10.41
C6 4NJ E . -7.71 -16.12 10.13
C7 4NJ E . -6.60 -15.65 10.84
C8 4NJ E . -6.10 -14.40 10.62
C9 4NJ E . -6.70 -13.57 9.67
C10 4NJ E . -7.81 -14.01 8.94
C11 4NJ E . -8.29 -15.30 9.18
CL1 4NJ E . -5.97 -12.00 9.36
C13 4NJ E . -9.16 -17.56 11.58
C14 4NJ E . -10.28 -16.58 11.53
C15 4NJ E . -10.43 -15.73 12.68
C16 4NJ E . -9.29 -16.22 13.44
N18 4NJ E . -8.54 -17.20 12.90
C19 4NJ E . -7.38 -17.92 13.43
O20 4NJ E . -8.93 -15.74 14.54
O21 4NJ E . -9.84 -18.82 11.67
C28 4NJ E . -11.41 -14.64 13.03
C37 4NJ E . -10.84 -13.31 12.67
C38 4NJ E . -11.73 -12.29 12.55
C39 4NJ E . -11.34 -11.00 12.29
C40 4NJ E . -10.06 -10.73 12.06
C41 4NJ E . -9.14 -11.76 12.09
C42 4NJ E . -9.52 -13.02 12.41
CL2 4NJ E . -9.66 -9.03 11.64
C44 4NJ E . -11.36 -16.42 10.48
C45 4NJ E . -12.03 -17.54 9.83
C46 4NJ E . -12.93 -16.86 8.91
C48 4NJ E . -11.79 -15.24 9.94
N49 4NJ E . -12.76 -15.56 9.02
C56 4NJ E . -13.77 -17.62 8.15
C57 4NJ E . -13.72 -18.98 8.20
C58 4NJ E . -12.84 -19.65 9.04
C59 4NJ E . -11.96 -18.95 9.85
CL3 4NJ E . -14.92 -19.83 7.17
C5 4NJ F . 12.30 11.88 -13.65
C6 4NJ F . 11.13 11.32 -12.90
C7 4NJ F . 10.00 10.95 -13.59
C8 4NJ F . 8.95 10.38 -12.94
C9 4NJ F . 8.99 10.19 -11.58
C10 4NJ F . 10.11 10.53 -10.86
C11 4NJ F . 11.22 11.07 -11.54
CL1 4NJ F . 7.60 9.45 -10.75
C13 4NJ F . 12.18 13.30 -14.15
C14 4NJ F . 11.99 14.15 -12.95
C15 4NJ F . 10.77 14.96 -13.06
C16 4NJ F . 10.31 14.52 -14.41
N18 4NJ F . 11.02 13.61 -15.01
C19 4NJ F . 10.89 12.96 -16.35
O20 4NJ F . 9.26 14.96 -14.95
O21 4NJ F . 13.32 13.71 -14.88
C28 4NJ F . 10.11 15.99 -12.20
C37 4NJ F . 9.02 15.38 -11.36
C38 4NJ F . 8.78 16.04 -10.17
C39 4NJ F . 7.78 15.61 -9.30
C40 4NJ F . 7.08 14.48 -9.64
C41 4NJ F . 7.38 13.78 -10.81
C42 4NJ F . 8.34 14.22 -11.68
CL2 4NJ F . 5.83 13.88 -8.51
C44 4NJ F . 12.80 14.28 -11.71
C45 4NJ F . 14.26 14.39 -11.66
C46 4NJ F . 14.50 14.56 -10.23
C48 4NJ F . 12.28 14.36 -10.46
N49 4NJ F . 13.32 14.49 -9.59
C56 4NJ F . 15.81 14.68 -9.81
C57 4NJ F . 16.82 14.67 -10.75
C58 4NJ F . 16.61 14.52 -12.12
C59 4NJ F . 15.31 14.36 -12.59
CL3 4NJ F . 18.47 14.89 -10.14
C5 4NJ G . -15.37 -1.53 -26.99
C6 4NJ G . -14.80 -1.11 -25.66
C7 4NJ G . -13.49 -0.64 -25.59
C8 4NJ G . -12.97 -0.21 -24.40
C9 4NJ G . -13.81 -0.21 -23.28
C10 4NJ G . -15.13 -0.63 -23.34
C11 4NJ G . -15.62 -1.10 -24.55
CL1 4NJ G . -13.20 0.42 -21.73
C13 4NJ G . -15.01 -2.96 -27.41
C14 4NJ G . -15.49 -3.89 -26.39
C15 4NJ G . -14.38 -4.75 -25.89
C16 4NJ G . -13.27 -4.18 -26.66
N18 4NJ G . -13.55 -3.24 -27.49
C19 4NJ G . -12.71 -2.44 -28.42
O20 4NJ G . -12.08 -4.52 -26.56
O21 4NJ G . -15.61 -3.31 -28.61
C28 4NJ G . -14.39 -5.79 -24.86
C37 4NJ G . -14.05 -5.24 -23.50
C38 4NJ G . -13.29 -4.09 -23.27
C39 4NJ G . -13.02 -3.73 -21.95
C40 4NJ G . -13.45 -4.49 -20.93
C41 4NJ G . -14.16 -5.62 -21.15
C42 4NJ G . -14.47 -5.98 -22.43
CL2 4NJ G . -13.12 -4.10 -19.24
C44 4NJ G . -16.86 -4.12 -25.85
C45 4NJ G . -18.07 -4.16 -26.65
C46 4NJ G . -19.07 -4.43 -25.63
C48 4NJ G . -17.16 -4.34 -24.54
N49 4NJ G . -18.49 -4.52 -24.43
C56 4NJ G . -20.38 -4.58 -26.04
C57 4NJ G . -20.67 -4.42 -27.40
C58 4NJ G . -19.71 -4.17 -28.41
C59 4NJ G . -18.38 -4.00 -28.04
CL3 4NJ G . -22.38 -4.65 -27.81
C5 4NJ H . 20.65 -5.87 22.48
C6 4NJ H . 19.41 -5.43 21.75
C7 4NJ H . 19.24 -4.07 21.44
C8 4NJ H . 18.07 -3.62 20.80
C9 4NJ H . 17.13 -4.60 20.45
C10 4NJ H . 17.32 -5.94 20.75
C11 4NJ H . 18.45 -6.37 21.42
CL1 4NJ H . 15.63 -4.08 19.65
C13 4NJ H . 21.73 -6.41 21.56
C14 4NJ H . 22.15 -5.41 20.55
C15 4NJ H . 22.06 -5.95 19.18
C16 4NJ H . 21.51 -7.30 19.43
N18 4NJ H . 21.35 -7.60 20.72
C19 4NJ H . 20.88 -8.81 21.39
O20 4NJ H . 21.27 -8.17 18.50
O21 4NJ H . 22.83 -6.61 22.37
C28 4NJ H . 22.38 -5.27 17.88
C37 4NJ H . 21.17 -4.62 17.28
C38 4NJ H . 21.40 -3.60 16.38
C39 4NJ H . 20.32 -2.97 15.77
C40 4NJ H . 19.05 -3.38 16.09
C41 4NJ H . 18.78 -4.40 16.98
C42 4NJ H . 19.85 -5.06 17.57
CL2 4NJ H . 17.76 -2.60 15.20
C44 4NJ H . 22.65 -4.01 20.73
C45 4NJ H . 23.64 -3.55 21.72
C46 4NJ H . 23.77 -2.12 21.43
C48 4NJ H . 22.30 -2.91 19.97
N49 4NJ H . 22.98 -1.81 20.39
C56 4NJ H . 24.65 -1.38 22.22
C57 4NJ H . 25.36 -2.00 23.23
C58 4NJ H . 25.24 -3.36 23.47
C59 4NJ H . 24.39 -4.15 22.72
CL3 4NJ H . 26.55 -1.09 24.22
#